data_8QT1
#
_entry.id   8QT1
#
_cell.length_a   35.949
_cell.length_b   73.140
_cell.length_c   55.202
_cell.angle_alpha   90.00
_cell.angle_beta   95.19
_cell.angle_gamma   90.00
#
_symmetry.space_group_name_H-M   'P 1 21 1'
#
loop_
_entity.id
_entity.type
_entity.pdbx_description
1 polymer 'NAD-dependent protein deacetylase sirtuin-2'
2 polymer 'Peptide-based super-slow substrate TNFn-5'
3 non-polymer 'ZINC ION'
4 non-polymer 1,2-ETHANEDIOL
5 non-polymer '(2S)-2-dodecylsulfanylpropanoic acid'
6 water water
#
loop_
_entity_poly.entity_id
_entity_poly.type
_entity_poly.pdbx_seq_one_letter_code
_entity_poly.pdbx_strand_id
1 'polypeptide(L)'
;GHMERLLDELTLEGVARYMQSERCRRVICLVGAGISTSAGIPDFRSPSTGLYDNLEKYHLPYPEAIFEISYFKKHPEPFF
ALAKELYPGQFKPTICHYFMRLLKDKGLLLRCYTQNIDTLERIAGLEQEDLVEAHGTFYTSHCVSASCRHEYPLSWMKEK
IFSEVTPKCEDCQSLVKPDIVFFGESLPARFFSCMQSDFLKVDLLLVMGTSLQVQPFASLISKAPLSTPRLLINKEKAGQ
SDPFLGMIMGLGGGMDFDSKKAYRDVAWLGECDQGCLALAELLGWKKELEDLVRREHASIDAQS
;
A
2 'polypeptide(L)' EALPKK(NIY)GG(NH2) B
#
# COMPACT_ATOMS: atom_id res chain seq x y z
N GLU A 4 -32.53 3.18 2.27
CA GLU A 4 -32.15 2.21 3.28
C GLU A 4 -30.66 1.95 3.17
N ARG A 5 -29.93 2.18 4.26
CA ARG A 5 -28.47 2.14 4.20
C ARG A 5 -27.91 1.65 5.53
N LEU A 6 -26.69 1.11 5.46
CA LEU A 6 -26.04 0.57 6.64
C LEU A 6 -25.52 1.66 7.57
N LEU A 7 -25.07 2.78 7.03
CA LEU A 7 -24.61 3.89 7.86
C LEU A 7 -25.79 4.73 8.30
N ASP A 8 -25.86 5.07 9.60
CA ASP A 8 -26.95 5.93 10.02
C ASP A 8 -26.70 7.39 9.67
N GLU A 9 -25.48 7.75 9.34
CA GLU A 9 -25.14 9.06 8.79
C GLU A 9 -23.79 8.97 8.11
N LEU A 10 -23.59 9.85 7.12
CA LEU A 10 -22.39 9.79 6.29
C LEU A 10 -21.27 10.64 6.89
N THR A 11 -20.78 10.16 8.03
CA THR A 11 -19.75 10.83 8.80
C THR A 11 -18.84 9.77 9.42
N LEU A 12 -17.70 10.23 9.93
CA LEU A 12 -16.83 9.31 10.67
C LEU A 12 -17.57 8.71 11.87
N GLU A 13 -18.41 9.51 12.52
CA GLU A 13 -19.20 9.00 13.64
C GLU A 13 -20.13 7.88 13.19
N GLY A 14 -20.76 8.05 12.03
CA GLY A 14 -21.59 6.99 11.49
C GLY A 14 -20.81 5.72 11.20
N VAL A 15 -19.60 5.88 10.68
CA VAL A 15 -18.76 4.73 10.40
C VAL A 15 -18.37 4.01 11.68
N ALA A 16 -18.02 4.77 12.73
CA ALA A 16 -17.63 4.13 13.98
C ALA A 16 -18.81 3.37 14.59
N ARG A 17 -20.01 3.96 14.59
CA ARG A 17 -21.15 3.22 15.11
C ARG A 17 -21.39 1.95 14.32
N TYR A 18 -21.21 2.02 13.01
CA TYR A 18 -21.40 0.82 12.20
C TYR A 18 -20.35 -0.24 12.53
N MET A 19 -19.09 0.17 12.66
CA MET A 19 -18.04 -0.79 13.01
C MET A 19 -18.32 -1.51 14.32
N GLN A 20 -18.93 -0.83 15.29
CA GLN A 20 -19.18 -1.51 16.56
C GLN A 20 -20.55 -2.18 16.61
N SER A 21 -21.33 -2.11 15.53
CA SER A 21 -22.56 -2.86 15.39
C SER A 21 -22.27 -4.30 14.98
N GLU A 22 -23.27 -5.17 15.16
CA GLU A 22 -23.11 -6.56 14.76
C GLU A 22 -23.04 -6.73 13.24
N ARG A 23 -23.38 -5.69 12.48
CA ARG A 23 -23.39 -5.79 11.02
C ARG A 23 -22.01 -5.70 10.40
N CYS A 24 -21.02 -5.18 11.11
CA CYS A 24 -19.70 -4.95 10.54
C CYS A 24 -18.73 -5.94 11.17
N ARG A 25 -18.35 -6.94 10.41
CA ARG A 25 -17.45 -7.97 10.89
C ARG A 25 -16.13 -8.01 10.15
N ARG A 26 -16.11 -7.61 8.89
CA ARG A 26 -14.95 -7.84 8.02
C ARG A 26 -14.57 -6.57 7.29
N VAL A 27 -13.35 -6.10 7.52
CA VAL A 27 -12.87 -4.83 6.98
C VAL A 27 -11.75 -5.12 5.98
N ILE A 28 -11.84 -4.51 4.81
CA ILE A 28 -10.75 -4.51 3.85
C ILE A 28 -10.18 -3.11 3.84
N CYS A 29 -8.87 -3.02 4.02
CA CYS A 29 -8.14 -1.77 3.88
C CYS A 29 -7.49 -1.71 2.52
N LEU A 30 -7.58 -0.55 1.88
CA LEU A 30 -6.87 -0.24 0.64
C LEU A 30 -5.97 0.93 0.94
N VAL A 31 -4.65 0.75 0.86
CA VAL A 31 -3.74 1.81 1.30
C VAL A 31 -2.71 2.11 0.24
N GLY A 32 -2.30 3.37 0.20
CA GLY A 32 -1.31 3.85 -0.72
C GLY A 32 -0.24 4.72 -0.06
N ALA A 33 0.44 5.51 -0.91
CA ALA A 33 1.64 6.22 -0.47
C ALA A 33 1.35 7.18 0.68
N GLY A 34 0.10 7.67 0.77
CA GLY A 34 -0.28 8.63 1.79
C GLY A 34 -0.17 8.10 3.21
N ILE A 35 -0.11 6.78 3.40
CA ILE A 35 0.03 6.27 4.76
C ILE A 35 1.48 6.13 5.18
N SER A 36 2.44 6.37 4.27
CA SER A 36 3.84 6.24 4.63
C SER A 36 4.61 7.54 4.52
N THR A 37 3.98 8.61 4.03
CA THR A 37 4.71 9.87 3.94
C THR A 37 5.07 10.41 5.31
N SER A 38 4.27 10.14 6.35
CA SER A 38 4.64 10.61 7.68
C SER A 38 5.73 9.76 8.32
N ALA A 39 6.04 8.61 7.73
CA ALA A 39 7.21 7.80 8.10
C ALA A 39 8.44 8.21 7.32
N GLY A 40 8.33 9.24 6.48
CA GLY A 40 9.46 9.71 5.70
C GLY A 40 9.64 9.03 4.35
N ILE A 41 8.71 8.18 3.92
CA ILE A 41 8.82 7.47 2.66
C ILE A 41 8.17 8.33 1.58
N PRO A 42 8.87 8.66 0.49
CA PRO A 42 8.24 9.47 -0.55
C PRO A 42 7.32 8.64 -1.43
N ASP A 43 6.39 9.35 -2.07
CA ASP A 43 5.45 8.76 -3.03
C ASP A 43 6.18 8.50 -4.34
N PHE A 44 6.49 7.23 -4.62
CA PHE A 44 7.31 6.90 -5.78
C PHE A 44 6.56 7.04 -7.10
N ARG A 45 5.25 7.27 -7.08
CA ARG A 45 4.50 7.49 -8.32
C ARG A 45 4.17 8.95 -8.57
N SER A 46 4.54 9.84 -7.64
CA SER A 46 4.31 11.26 -7.81
C SER A 46 5.44 11.88 -8.64
N PRO A 47 5.13 12.60 -9.72
CA PRO A 47 6.19 13.32 -10.44
C PRO A 47 6.95 14.31 -9.55
N SER A 48 6.31 14.86 -8.52
CA SER A 48 7.00 15.78 -7.63
CA SER A 48 7.00 15.78 -7.63
C SER A 48 8.16 15.12 -6.91
N THR A 49 8.20 13.78 -6.85
CA THR A 49 9.32 13.06 -6.26
C THR A 49 10.58 13.11 -7.13
N GLY A 50 10.43 13.37 -8.42
CA GLY A 50 11.59 13.54 -9.29
C GLY A 50 12.40 12.29 -9.54
N LEU A 51 11.75 11.12 -9.59
CA LEU A 51 12.47 9.88 -9.86
C LEU A 51 13.13 9.89 -11.22
N TYR A 52 12.53 10.55 -12.21
CA TYR A 52 13.05 10.56 -13.58
C TYR A 52 13.94 11.77 -13.90
N ASP A 53 14.37 12.53 -12.89
CA ASP A 53 14.97 13.84 -13.14
C ASP A 53 16.50 13.85 -13.20
N ASN A 54 17.19 13.06 -12.39
CA ASN A 54 18.65 13.14 -12.39
C ASN A 54 19.31 11.86 -12.87
N LEU A 55 18.84 11.33 -14.00
CA LEU A 55 19.32 10.05 -14.52
C LEU A 55 20.29 10.21 -15.68
N GLU A 56 20.83 11.42 -15.89
CA GLU A 56 21.62 11.68 -17.08
C GLU A 56 22.82 10.75 -17.17
N LYS A 57 23.46 10.46 -16.04
CA LYS A 57 24.72 9.73 -16.10
C LYS A 57 24.51 8.27 -16.49
N TYR A 58 23.26 7.81 -16.59
CA TYR A 58 22.97 6.43 -16.93
C TYR A 58 22.66 6.22 -18.40
N HIS A 59 22.44 7.29 -19.16
CA HIS A 59 22.34 7.21 -20.62
C HIS A 59 21.23 6.24 -21.03
N LEU A 60 20.07 6.42 -20.41
CA LEU A 60 18.94 5.55 -20.68
C LEU A 60 18.34 5.87 -22.05
N PRO A 61 17.78 4.87 -22.74
CA PRO A 61 17.10 5.17 -24.01
C PRO A 61 15.89 6.07 -23.81
N TYR A 62 15.33 6.12 -22.60
CA TYR A 62 14.22 6.98 -22.22
C TYR A 62 14.06 6.90 -20.70
N PRO A 63 13.53 7.94 -20.05
CA PRO A 63 13.52 7.96 -18.58
C PRO A 63 12.91 6.71 -17.95
N GLU A 64 11.78 6.22 -18.47
CA GLU A 64 11.07 5.15 -17.79
C GLU A 64 11.86 3.85 -17.77
N ALA A 65 12.87 3.72 -18.63
CA ALA A 65 13.59 2.45 -18.75
C ALA A 65 14.16 1.99 -17.42
N ILE A 66 14.44 2.93 -16.51
CA ILE A 66 15.02 2.56 -15.23
C ILE A 66 14.11 1.64 -14.43
N PHE A 67 12.81 1.65 -14.71
CA PHE A 67 11.86 0.80 -13.98
C PHE A 67 11.21 -0.24 -14.87
N GLU A 68 11.73 -0.49 -16.06
CA GLU A 68 11.19 -1.51 -16.94
C GLU A 68 12.02 -2.78 -16.81
N ILE A 69 11.34 -3.92 -16.71
CA ILE A 69 12.00 -5.15 -16.29
C ILE A 69 13.05 -5.58 -17.31
N SER A 70 12.75 -5.47 -18.61
CA SER A 70 13.71 -5.96 -19.60
C SER A 70 14.97 -5.11 -19.64
N TYR A 71 14.81 -3.79 -19.48
CA TYR A 71 15.99 -2.94 -19.40
C TYR A 71 16.77 -3.23 -18.12
N PHE A 72 16.06 -3.31 -16.98
CA PHE A 72 16.72 -3.59 -15.72
C PHE A 72 17.56 -4.85 -15.79
N LYS A 73 17.03 -5.90 -16.41
CA LYS A 73 17.74 -7.18 -16.37
C LYS A 73 19.05 -7.13 -17.14
N LYS A 74 19.18 -6.25 -18.14
CA LYS A 74 20.45 -6.11 -18.84
C LYS A 74 21.30 -4.95 -18.35
N HIS A 75 20.69 -3.96 -17.69
CA HIS A 75 21.38 -2.78 -17.18
C HIS A 75 20.81 -2.43 -15.81
N PRO A 76 21.16 -3.21 -14.78
CA PRO A 76 20.53 -3.02 -13.46
C PRO A 76 21.17 -1.91 -12.65
N GLU A 77 22.37 -1.49 -13.02
CA GLU A 77 23.11 -0.52 -12.23
C GLU A 77 22.36 0.78 -12.01
N PRO A 78 21.68 1.37 -13.01
CA PRO A 78 20.94 2.61 -12.73
C PRO A 78 19.90 2.44 -11.63
N PHE A 79 19.12 1.35 -11.69
CA PHE A 79 18.10 1.15 -10.66
C PHE A 79 18.72 1.08 -9.27
N PHE A 80 19.83 0.35 -9.13
CA PHE A 80 20.38 0.16 -7.80
C PHE A 80 21.09 1.42 -7.31
N ALA A 81 21.60 2.24 -8.22
CA ALA A 81 22.13 3.55 -7.81
C ALA A 81 21.01 4.43 -7.27
N LEU A 82 19.87 4.46 -7.97
CA LEU A 82 18.72 5.20 -7.48
C LEU A 82 18.21 4.65 -6.16
N ALA A 83 18.18 3.32 -6.02
CA ALA A 83 17.68 2.73 -4.78
C ALA A 83 18.54 3.13 -3.59
N LYS A 84 19.85 3.25 -3.79
CA LYS A 84 20.69 3.72 -2.69
C LYS A 84 20.36 5.15 -2.31
N GLU A 85 20.14 6.01 -3.31
CA GLU A 85 19.84 7.41 -3.03
C GLU A 85 18.50 7.57 -2.32
N LEU A 86 17.51 6.74 -2.64
CA LEU A 86 16.19 6.86 -2.03
C LEU A 86 15.98 5.97 -0.81
N TYR A 87 16.96 5.15 -0.44
CA TYR A 87 16.73 4.17 0.62
C TYR A 87 16.38 4.90 1.92
N PRO A 88 15.31 4.51 2.62
CA PRO A 88 14.91 5.23 3.83
C PRO A 88 15.96 5.14 4.92
N GLY A 89 16.04 6.20 5.71
CA GLY A 89 16.95 6.18 6.85
C GLY A 89 16.45 5.37 8.03
N GLN A 90 15.15 5.08 8.05
CA GLN A 90 14.53 4.33 9.13
C GLN A 90 13.26 3.73 8.59
N PHE A 91 12.84 2.61 9.18
CA PHE A 91 11.59 1.94 8.82
C PHE A 91 10.70 1.91 10.05
N LYS A 92 10.00 3.01 10.27
CA LYS A 92 9.15 3.16 11.45
C LYS A 92 7.71 3.32 10.97
N PRO A 93 6.85 2.32 11.11
CA PRO A 93 5.48 2.45 10.61
C PRO A 93 4.73 3.56 11.34
N THR A 94 3.70 4.05 10.67
CA THR A 94 2.90 5.18 11.16
C THR A 94 1.73 4.71 12.01
N ILE A 95 1.08 5.70 12.64
CA ILE A 95 -0.16 5.45 13.37
C ILE A 95 -1.15 4.65 12.51
N CYS A 96 -1.22 4.98 11.22
CA CYS A 96 -2.13 4.28 10.31
CA CYS A 96 -2.14 4.27 10.31
C CYS A 96 -1.79 2.80 10.19
N HIS A 97 -0.49 2.48 10.03
CA HIS A 97 -0.10 1.08 9.97
C HIS A 97 -0.50 0.36 11.27
N TYR A 98 -0.30 1.01 12.42
CA TYR A 98 -0.62 0.34 13.68
C TYR A 98 -2.13 0.29 13.90
N PHE A 99 -2.89 1.23 13.34
CA PHE A 99 -4.35 1.08 13.37
C PHE A 99 -4.77 -0.21 12.68
N MET A 100 -4.13 -0.53 11.57
CA MET A 100 -4.45 -1.78 10.88
C MET A 100 -4.05 -2.98 11.72
N ARG A 101 -2.95 -2.89 12.47
CA ARG A 101 -2.60 -3.98 13.38
C ARG A 101 -3.67 -4.16 14.45
N LEU A 102 -4.22 -3.06 14.97
CA LEU A 102 -5.33 -3.16 15.92
C LEU A 102 -6.55 -3.83 15.28
N LEU A 103 -6.87 -3.47 14.04
CA LEU A 103 -7.95 -4.17 13.34
C LEU A 103 -7.70 -5.66 13.34
N LYS A 104 -6.48 -6.07 13.01
CA LYS A 104 -6.13 -7.48 13.03
C LYS A 104 -6.34 -8.06 14.43
N ASP A 105 -5.85 -7.34 15.45
CA ASP A 105 -5.89 -7.87 16.81
C ASP A 105 -7.32 -8.15 17.25
N LYS A 106 -8.25 -7.30 16.82
CA LYS A 106 -9.64 -7.36 17.21
C LYS A 106 -10.50 -8.21 16.28
N GLY A 107 -9.86 -8.93 15.35
CA GLY A 107 -10.55 -9.90 14.50
C GLY A 107 -11.38 -9.28 13.41
N LEU A 108 -11.10 -8.03 13.04
CA LEU A 108 -11.86 -7.29 12.05
C LEU A 108 -11.19 -7.24 10.68
N LEU A 109 -9.91 -7.58 10.57
CA LEU A 109 -9.16 -7.34 9.34
C LEU A 109 -9.31 -8.55 8.41
N LEU A 110 -10.05 -8.37 7.31
CA LEU A 110 -10.09 -9.40 6.31
C LEU A 110 -8.82 -9.36 5.45
N ARG A 111 -8.41 -8.17 5.03
CA ARG A 111 -7.23 -8.08 4.18
C ARG A 111 -6.81 -6.62 4.07
N CYS A 112 -5.52 -6.41 3.90
CA CYS A 112 -4.95 -5.11 3.55
C CYS A 112 -4.34 -5.23 2.16
N TYR A 113 -4.91 -4.51 1.19
CA TYR A 113 -4.33 -4.37 -0.15
C TYR A 113 -3.49 -3.11 -0.13
N THR A 114 -2.21 -3.23 -0.45
CA THR A 114 -1.32 -2.08 -0.41
C THR A 114 -0.62 -1.87 -1.74
N GLN A 115 -0.48 -0.59 -2.12
CA GLN A 115 0.31 -0.19 -3.27
C GLN A 115 1.75 0.06 -2.90
N ASN A 116 2.08 0.01 -1.61
CA ASN A 116 3.40 0.43 -1.15
C ASN A 116 4.37 -0.74 -1.16
N ILE A 117 5.64 -0.39 -1.33
CA ILE A 117 6.72 -1.36 -1.40
C ILE A 117 7.66 -1.26 -0.19
N ASP A 118 7.32 -0.43 0.80
CA ASP A 118 8.25 -0.03 1.85
C ASP A 118 8.31 -1.00 3.03
N THR A 119 7.51 -2.07 3.05
CA THR A 119 7.52 -3.11 4.08
C THR A 119 6.88 -2.68 5.39
N LEU A 120 6.40 -1.45 5.52
CA LEU A 120 5.96 -1.00 6.83
C LEU A 120 4.74 -1.77 7.33
N GLU A 121 3.89 -2.30 6.45
CA GLU A 121 2.79 -3.12 6.95
C GLU A 121 3.29 -4.34 7.72
N ARG A 122 4.38 -4.96 7.21
CA ARG A 122 4.93 -6.15 7.88
C ARG A 122 5.58 -5.79 9.20
N ILE A 123 6.36 -4.70 9.21
CA ILE A 123 7.00 -4.26 10.45
C ILE A 123 5.95 -3.97 11.51
N ALA A 124 4.80 -3.41 11.10
CA ALA A 124 3.74 -3.09 12.04
C ALA A 124 2.98 -4.33 12.50
N GLY A 125 3.27 -5.51 11.97
CA GLY A 125 2.65 -6.70 12.49
C GLY A 125 1.56 -7.31 11.64
N LEU A 126 1.37 -6.85 10.40
CA LEU A 126 0.51 -7.60 9.49
C LEU A 126 1.30 -8.77 8.89
N GLU A 127 0.69 -9.93 8.86
CA GLU A 127 1.34 -11.14 8.38
C GLU A 127 1.04 -11.35 6.89
N GLN A 128 1.82 -12.24 6.30
CA GLN A 128 1.67 -12.53 4.88
C GLN A 128 0.21 -12.78 4.52
N GLU A 129 -0.49 -13.57 5.33
CA GLU A 129 -1.86 -13.93 4.96
C GLU A 129 -2.80 -12.73 5.03
N ASP A 130 -2.46 -11.68 5.79
CA ASP A 130 -3.25 -10.47 5.90
C ASP A 130 -3.06 -9.51 4.72
N LEU A 131 -2.01 -9.69 3.90
CA LEU A 131 -1.54 -8.68 2.97
C LEU A 131 -1.69 -9.12 1.53
N VAL A 132 -2.09 -8.17 0.69
CA VAL A 132 -1.90 -8.27 -0.75
C VAL A 132 -1.04 -7.08 -1.15
N GLU A 133 0.25 -7.32 -1.41
CA GLU A 133 1.16 -6.27 -1.86
C GLU A 133 1.01 -6.18 -3.38
N ALA A 134 0.13 -5.27 -3.80
CA ALA A 134 -0.27 -5.22 -5.20
C ALA A 134 0.90 -4.90 -6.14
N HIS A 135 1.92 -4.18 -5.65
CA HIS A 135 3.08 -3.85 -6.45
C HIS A 135 4.33 -4.53 -5.92
N GLY A 136 4.17 -5.60 -5.15
CA GLY A 136 5.30 -6.29 -4.58
C GLY A 136 5.88 -5.52 -3.40
N THR A 137 7.13 -5.88 -3.05
CA THR A 137 7.72 -5.37 -1.82
C THR A 137 9.24 -5.51 -1.89
N PHE A 138 9.94 -4.64 -1.13
CA PHE A 138 11.37 -4.80 -0.90
C PHE A 138 11.67 -5.80 0.20
N TYR A 139 10.65 -6.37 0.85
CA TYR A 139 10.88 -7.25 2.00
C TYR A 139 11.74 -8.45 1.64
N THR A 140 11.52 -8.99 0.46
CA THR A 140 12.29 -10.11 -0.04
C THR A 140 12.76 -9.77 -1.44
N SER A 141 13.82 -10.45 -1.85
CA SER A 141 14.38 -10.37 -3.19
C SER A 141 14.62 -11.79 -3.69
N HIS A 142 14.65 -11.95 -5.01
CA HIS A 142 14.88 -13.26 -5.61
C HIS A 142 15.87 -13.17 -6.74
N CYS A 143 16.75 -14.17 -6.79
CA CYS A 143 17.45 -14.47 -8.02
C CYS A 143 16.48 -14.49 -9.19
N VAL A 144 16.86 -13.85 -10.30
CA VAL A 144 15.95 -13.79 -11.44
C VAL A 144 16.00 -15.02 -12.33
N SER A 145 16.92 -15.96 -12.10
CA SER A 145 16.99 -17.16 -12.92
C SER A 145 15.85 -18.11 -12.58
N ALA A 146 15.06 -18.49 -13.60
CA ALA A 146 13.87 -19.27 -13.35
C ALA A 146 14.18 -20.59 -12.67
N SER A 147 15.34 -21.18 -12.97
CA SER A 147 15.73 -22.49 -12.43
CA SER A 147 15.70 -22.49 -12.43
C SER A 147 16.30 -22.41 -11.03
N CYS A 148 16.51 -21.21 -10.49
CA CYS A 148 17.14 -21.04 -9.19
C CYS A 148 16.18 -20.34 -8.22
N ARG A 149 15.91 -19.05 -8.43
CA ARG A 149 14.93 -18.31 -7.62
C ARG A 149 15.30 -18.32 -6.13
N HIS A 150 16.59 -18.40 -5.82
CA HIS A 150 17.03 -18.24 -4.42
C HIS A 150 16.49 -16.93 -3.83
N GLU A 151 15.98 -17.00 -2.59
CA GLU A 151 15.37 -15.86 -1.92
C GLU A 151 16.37 -15.22 -0.97
N TYR A 152 16.35 -13.90 -0.90
CA TYR A 152 17.27 -13.15 -0.05
C TYR A 152 16.48 -12.12 0.76
N PRO A 153 16.83 -11.94 2.02
CA PRO A 153 16.13 -10.99 2.88
C PRO A 153 16.59 -9.56 2.60
N LEU A 154 15.80 -8.59 3.10
CA LEU A 154 16.14 -7.19 2.87
C LEU A 154 17.50 -6.81 3.44
N SER A 155 17.92 -7.41 4.56
CA SER A 155 19.25 -7.08 5.08
C SER A 155 20.35 -7.39 4.08
N TRP A 156 20.22 -8.51 3.36
CA TRP A 156 21.20 -8.87 2.34
C TRP A 156 21.17 -7.87 1.20
N MET A 157 19.96 -7.56 0.72
CA MET A 157 19.79 -6.58 -0.36
C MET A 157 20.31 -5.20 0.04
N LYS A 158 19.97 -4.74 1.25
CA LYS A 158 20.44 -3.43 1.68
C LYS A 158 21.97 -3.35 1.63
N GLU A 159 22.66 -4.38 2.12
CA GLU A 159 24.12 -4.37 2.12
C GLU A 159 24.68 -4.23 0.71
N LYS A 160 24.07 -4.91 -0.26
CA LYS A 160 24.55 -4.79 -1.63
C LYS A 160 24.28 -3.40 -2.19
N ILE A 161 23.10 -2.84 -1.91
CA ILE A 161 22.78 -1.50 -2.39
C ILE A 161 23.74 -0.47 -1.82
N PHE A 162 24.07 -0.58 -0.53
CA PHE A 162 24.91 0.44 0.09
C PHE A 162 26.38 0.28 -0.25
N SER A 163 26.85 -0.94 -0.45
CA SER A 163 28.22 -1.13 -0.89
C SER A 163 28.39 -0.91 -2.39
N GLU A 164 27.30 -0.64 -3.11
CA GLU A 164 27.36 -0.35 -4.54
C GLU A 164 27.90 -1.55 -5.31
N VAL A 165 27.56 -2.75 -4.84
CA VAL A 165 27.86 -4.00 -5.51
C VAL A 165 26.55 -4.50 -6.10
N THR A 166 26.49 -4.68 -7.41
CA THR A 166 25.26 -5.19 -8.01
C THR A 166 24.95 -6.55 -7.40
N PRO A 167 23.74 -6.77 -6.87
CA PRO A 167 23.46 -8.03 -6.16
C PRO A 167 23.41 -9.21 -7.13
N LYS A 168 24.24 -10.20 -6.86
CA LYS A 168 24.31 -11.43 -7.65
C LYS A 168 24.04 -12.62 -6.74
N CYS A 169 23.38 -13.63 -7.30
CA CYS A 169 23.00 -14.81 -6.54
C CYS A 169 24.22 -15.62 -6.15
N GLU A 170 24.29 -16.02 -4.88
CA GLU A 170 25.40 -16.84 -4.42
C GLU A 170 25.38 -18.25 -5.00
N ASP A 171 24.23 -18.74 -5.44
CA ASP A 171 24.16 -20.09 -6.02
C ASP A 171 24.49 -20.12 -7.50
N CYS A 172 24.02 -19.14 -8.29
CA CYS A 172 24.17 -19.22 -9.73
C CYS A 172 24.71 -17.95 -10.37
N GLN A 173 24.98 -16.90 -9.58
CA GLN A 173 25.57 -15.64 -10.01
C GLN A 173 24.68 -14.82 -10.95
N SER A 174 23.40 -15.16 -11.06
CA SER A 174 22.44 -14.29 -11.74
C SER A 174 22.12 -13.06 -10.90
N LEU A 175 21.54 -12.06 -11.57
CA LEU A 175 21.03 -10.88 -10.87
C LEU A 175 19.99 -11.25 -9.82
N VAL A 176 20.03 -10.58 -8.68
CA VAL A 176 19.00 -10.67 -7.66
C VAL A 176 18.20 -9.38 -7.65
N LYS A 177 16.88 -9.50 -7.72
CA LYS A 177 15.99 -8.35 -7.86
C LYS A 177 15.06 -8.26 -6.67
N PRO A 178 14.85 -7.06 -6.11
CA PRO A 178 13.83 -6.91 -5.09
C PRO A 178 12.48 -7.33 -5.64
N ASP A 179 11.63 -7.85 -4.75
CA ASP A 179 10.35 -8.42 -5.16
C ASP A 179 9.30 -7.35 -5.46
N ILE A 180 9.73 -6.18 -5.95
CA ILE A 180 8.76 -5.22 -6.45
C ILE A 180 8.39 -5.57 -7.88
N VAL A 181 7.19 -5.14 -8.28
CA VAL A 181 6.75 -5.34 -9.65
C VAL A 181 7.28 -4.19 -10.51
N PHE A 182 8.26 -4.48 -11.37
CA PHE A 182 8.73 -3.51 -12.36
C PHE A 182 7.71 -3.36 -13.48
N PHE A 183 7.76 -2.22 -14.16
CA PHE A 183 6.92 -2.05 -15.33
C PHE A 183 7.28 -3.12 -16.36
N GLY A 184 6.26 -3.74 -16.95
CA GLY A 184 6.46 -4.84 -17.86
C GLY A 184 6.44 -6.21 -17.23
N GLU A 185 6.48 -6.28 -15.89
CA GLU A 185 6.29 -7.54 -15.16
C GLU A 185 4.81 -7.81 -14.93
N SER A 186 4.49 -9.09 -14.80
CA SER A 186 3.13 -9.47 -14.39
C SER A 186 2.81 -8.94 -13.00
N LEU A 187 1.58 -8.45 -12.85
CA LEU A 187 1.08 -8.19 -11.51
C LEU A 187 0.90 -9.52 -10.75
N PRO A 188 0.94 -9.47 -9.41
CA PRO A 188 0.93 -10.72 -8.64
C PRO A 188 -0.37 -11.50 -8.79
N ALA A 189 -0.26 -12.81 -9.00
CA ALA A 189 -1.46 -13.63 -9.09
C ALA A 189 -2.33 -13.48 -7.84
N ARG A 190 -1.69 -13.32 -6.68
CA ARG A 190 -2.39 -13.17 -5.42
C ARG A 190 -3.34 -11.98 -5.41
N PHE A 191 -2.99 -10.91 -6.11
CA PHE A 191 -3.88 -9.76 -6.19
C PHE A 191 -5.23 -10.16 -6.76
N PHE A 192 -5.22 -10.92 -7.86
CA PHE A 192 -6.47 -11.27 -8.53
C PHE A 192 -7.20 -12.37 -7.77
N SER A 193 -6.45 -13.34 -7.25
CA SER A 193 -7.07 -14.44 -6.52
CA SER A 193 -7.10 -14.43 -6.54
C SER A 193 -7.75 -13.95 -5.24
N CYS A 194 -7.07 -13.09 -4.50
CA CYS A 194 -7.68 -12.61 -3.26
C CYS A 194 -8.86 -11.70 -3.55
N MET A 195 -8.75 -10.83 -4.55
CA MET A 195 -9.84 -9.92 -4.86
C MET A 195 -11.12 -10.71 -5.14
N GLN A 196 -10.99 -11.83 -5.85
CA GLN A 196 -12.18 -12.57 -6.28
C GLN A 196 -12.90 -13.20 -5.10
N SER A 197 -12.21 -13.40 -3.99
CA SER A 197 -12.79 -14.02 -2.82
C SER A 197 -13.14 -12.98 -1.76
N ASP A 198 -12.25 -12.02 -1.55
CA ASP A 198 -12.41 -11.11 -0.41
C ASP A 198 -13.63 -10.24 -0.58
N PHE A 199 -13.91 -9.80 -1.80
CA PHE A 199 -14.97 -8.80 -1.94
C PHE A 199 -16.36 -9.42 -1.90
N LEU A 200 -16.46 -10.74 -1.81
CA LEU A 200 -17.71 -11.41 -1.49
C LEU A 200 -18.04 -11.28 -0.01
N LYS A 201 -17.04 -10.92 0.82
CA LYS A 201 -17.12 -11.08 2.27
C LYS A 201 -17.02 -9.76 3.03
N VAL A 202 -16.80 -8.66 2.34
CA VAL A 202 -16.43 -7.41 3.01
C VAL A 202 -17.65 -6.67 3.52
N ASP A 203 -17.52 -6.12 4.73
CA ASP A 203 -18.54 -5.27 5.35
C ASP A 203 -18.18 -3.80 5.34
N LEU A 204 -16.90 -3.47 5.21
CA LEU A 204 -16.43 -2.09 5.27
C LEU A 204 -15.16 -1.99 4.44
N LEU A 205 -15.08 -0.98 3.59
CA LEU A 205 -13.85 -0.65 2.89
C LEU A 205 -13.26 0.60 3.53
N LEU A 206 -12.04 0.49 4.03
CA LEU A 206 -11.29 1.62 4.55
CA LEU A 206 -11.28 1.63 4.56
C LEU A 206 -10.20 1.96 3.54
N VAL A 207 -10.31 3.12 2.91
CA VAL A 207 -9.41 3.54 1.84
C VAL A 207 -8.55 4.65 2.41
N MET A 208 -7.25 4.42 2.56
CA MET A 208 -6.40 5.39 3.26
C MET A 208 -5.16 5.73 2.44
N GLY A 209 -4.90 7.02 2.28
CA GLY A 209 -3.66 7.45 1.67
C GLY A 209 -3.45 7.03 0.22
N THR A 210 -4.51 6.99 -0.57
CA THR A 210 -4.36 6.71 -2.00
C THR A 210 -5.26 7.65 -2.77
N SER A 211 -4.74 8.18 -3.87
CA SER A 211 -5.54 9.00 -4.77
CA SER A 211 -5.51 9.00 -4.79
C SER A 211 -6.32 8.18 -5.78
N LEU A 212 -6.22 6.85 -5.71
CA LEU A 212 -6.99 5.97 -6.57
C LEU A 212 -6.83 6.35 -8.05
N GLN A 213 -5.59 6.54 -8.46
CA GLN A 213 -5.30 6.90 -9.84
C GLN A 213 -4.56 5.81 -10.61
N VAL A 214 -4.03 4.81 -9.92
CA VAL A 214 -3.19 3.77 -10.53
C VAL A 214 -4.02 2.49 -10.62
N GLN A 215 -4.13 1.94 -11.84
CA GLN A 215 -4.88 0.72 -12.12
C GLN A 215 -3.94 -0.49 -12.16
N PRO A 216 -4.45 -1.68 -11.83
CA PRO A 216 -5.83 -2.00 -11.50
C PRO A 216 -6.18 -1.76 -10.04
N PHE A 217 -5.26 -1.31 -9.20
CA PHE A 217 -5.54 -1.12 -7.77
C PHE A 217 -6.76 -0.24 -7.56
N ALA A 218 -6.84 0.87 -8.28
CA ALA A 218 -7.94 1.81 -8.07
C ALA A 218 -9.30 1.15 -8.27
N SER A 219 -9.40 0.21 -9.21
CA SER A 219 -10.68 -0.42 -9.50
C SER A 219 -11.19 -1.30 -8.38
N LEU A 220 -10.38 -1.56 -7.35
CA LEU A 220 -10.87 -2.34 -6.21
C LEU A 220 -12.11 -1.73 -5.56
N ILE A 221 -12.25 -0.40 -5.60
CA ILE A 221 -13.41 0.16 -4.91
C ILE A 221 -14.70 -0.27 -5.58
N SER A 222 -14.66 -0.56 -6.89
CA SER A 222 -15.84 -1.00 -7.63
CA SER A 222 -15.86 -0.99 -7.61
C SER A 222 -16.16 -2.46 -7.41
N LYS A 223 -15.32 -3.17 -6.66
CA LYS A 223 -15.56 -4.57 -6.38
C LYS A 223 -16.36 -4.77 -5.11
N ALA A 224 -16.56 -3.73 -4.31
CA ALA A 224 -17.35 -3.88 -3.11
C ALA A 224 -18.82 -4.11 -3.44
N PRO A 225 -19.52 -4.95 -2.68
CA PRO A 225 -20.98 -4.99 -2.77
C PRO A 225 -21.58 -3.60 -2.70
N LEU A 226 -22.74 -3.42 -3.32
CA LEU A 226 -23.36 -2.10 -3.37
C LEU A 226 -23.69 -1.55 -2.00
N SER A 227 -23.94 -2.41 -1.01
CA SER A 227 -24.30 -1.90 0.31
C SER A 227 -23.10 -1.52 1.17
N THR A 228 -21.91 -1.99 0.83
CA THR A 228 -20.75 -1.87 1.70
C THR A 228 -20.31 -0.43 1.87
N PRO A 229 -20.33 0.13 3.07
CA PRO A 229 -19.83 1.49 3.25
C PRO A 229 -18.35 1.58 2.89
N ARG A 230 -17.96 2.76 2.42
CA ARG A 230 -16.60 3.01 2.00
C ARG A 230 -16.13 4.32 2.63
N LEU A 231 -15.14 4.22 3.52
CA LEU A 231 -14.57 5.39 4.18
C LEU A 231 -13.22 5.73 3.56
N LEU A 232 -13.10 6.95 3.05
CA LEU A 232 -11.82 7.48 2.56
C LEU A 232 -11.20 8.37 3.64
N ILE A 233 -9.98 8.05 4.07
CA ILE A 233 -9.17 8.89 4.94
C ILE A 233 -7.98 9.33 4.12
N ASN A 234 -7.91 10.61 3.76
CA ASN A 234 -6.93 11.06 2.77
C ASN A 234 -6.85 12.57 2.86
N LYS A 235 -5.70 13.11 2.43
CA LYS A 235 -5.54 14.55 2.42
C LYS A 235 -6.50 15.21 1.43
N GLU A 236 -6.83 14.51 0.34
CA GLU A 236 -7.69 15.04 -0.71
C GLU A 236 -8.79 14.03 -1.04
N LYS A 237 -9.95 14.56 -1.43
CA LYS A 237 -11.02 13.68 -1.91
C LYS A 237 -10.56 12.95 -3.16
N ALA A 238 -10.95 11.67 -3.27
CA ALA A 238 -10.51 10.87 -4.40
C ALA A 238 -11.55 9.80 -4.69
N GLY A 239 -11.42 9.17 -5.86
CA GLY A 239 -12.26 8.04 -6.21
C GLY A 239 -13.56 8.39 -6.89
N GLN A 240 -13.89 9.66 -7.05
CA GLN A 240 -15.10 10.03 -7.75
C GLN A 240 -14.96 9.75 -9.24
N SER A 241 -16.08 9.51 -9.91
CA SER A 241 -16.03 9.30 -11.35
C SER A 241 -15.46 10.54 -12.04
N ASP A 242 -14.69 10.33 -13.09
CA ASP A 242 -14.07 11.43 -13.80
C ASP A 242 -15.07 12.04 -14.78
N PRO A 243 -15.40 13.33 -14.64
CA PRO A 243 -16.40 13.92 -15.56
C PRO A 243 -15.96 13.84 -17.01
N PHE A 244 -14.67 13.60 -17.26
CA PHE A 244 -14.15 13.42 -18.63
C PHE A 244 -14.18 11.94 -18.99
N LEU A 245 -13.28 11.16 -18.40
CA LEU A 245 -13.19 9.72 -18.65
C LEU A 245 -14.57 9.07 -18.66
N GLY A 246 -15.19 8.97 -17.49
CA GLY A 246 -16.51 8.36 -17.36
C GLY A 246 -17.63 9.04 -18.11
N GLY A 252 -18.90 4.29 -13.02
CA GLY A 252 -19.13 2.89 -12.68
C GLY A 252 -18.45 2.46 -11.39
N GLY A 253 -19.17 2.58 -10.28
CA GLY A 253 -18.63 2.21 -8.98
C GLY A 253 -17.84 3.29 -8.29
N GLY A 254 -17.85 4.53 -8.81
CA GLY A 254 -17.08 5.60 -8.21
C GLY A 254 -17.64 6.03 -6.87
N MET A 255 -16.79 6.70 -6.09
CA MET A 255 -17.21 7.29 -4.82
C MET A 255 -18.25 8.36 -5.05
N ASP A 256 -19.31 8.35 -4.24
CA ASP A 256 -20.29 9.43 -4.24
C ASP A 256 -20.40 9.93 -2.81
N PHE A 257 -19.69 10.99 -2.49
CA PHE A 257 -19.69 11.50 -1.13
C PHE A 257 -20.78 12.53 -0.90
N ASP A 258 -21.10 13.31 -1.92
CA ASP A 258 -21.69 14.62 -1.71
C ASP A 258 -23.01 14.84 -2.44
N SER A 259 -23.45 13.93 -3.30
CA SER A 259 -24.70 14.17 -4.02
C SER A 259 -25.91 13.81 -3.16
N LYS A 260 -27.09 14.23 -3.62
CA LYS A 260 -28.33 13.83 -2.98
C LYS A 260 -28.55 12.34 -3.02
N LYS A 261 -27.82 11.63 -3.88
CA LYS A 261 -27.93 10.19 -4.00
C LYS A 261 -26.94 9.46 -3.13
N ALA A 262 -26.05 10.19 -2.44
CA ALA A 262 -25.03 9.53 -1.63
C ALA A 262 -25.68 8.75 -0.50
N TYR A 263 -25.16 7.54 -0.25
CA TYR A 263 -25.76 6.67 0.75
C TYR A 263 -24.74 5.85 1.51
N ARG A 264 -23.48 5.76 1.08
CA ARG A 264 -22.57 4.86 1.77
C ARG A 264 -21.11 5.31 1.82
N ASP A 265 -20.74 6.39 1.14
CA ASP A 265 -19.34 6.79 1.02
C ASP A 265 -19.09 8.02 1.89
N VAL A 266 -17.97 8.03 2.60
CA VAL A 266 -17.64 9.06 3.57
C VAL A 266 -16.20 9.47 3.34
N ALA A 267 -15.93 10.78 3.28
CA ALA A 267 -14.57 11.30 3.16
C ALA A 267 -14.19 12.05 4.43
N TRP A 268 -13.08 11.67 5.03
CA TRP A 268 -12.47 12.40 6.13
C TRP A 268 -11.16 12.97 5.58
N LEU A 269 -11.09 14.30 5.44
CA LEU A 269 -9.98 14.94 4.76
C LEU A 269 -8.99 15.49 5.77
N GLY A 270 -7.76 15.00 5.68
CA GLY A 270 -6.71 15.45 6.58
C GLY A 270 -5.58 14.46 6.48
N GLU A 271 -4.63 14.60 7.41
CA GLU A 271 -3.53 13.63 7.46
C GLU A 271 -4.05 12.26 7.87
N CYS A 272 -3.53 11.22 7.21
CA CYS A 272 -4.00 9.86 7.47
C CYS A 272 -3.84 9.50 8.94
N ASP A 273 -2.71 9.86 9.55
CA ASP A 273 -2.50 9.54 10.97
C ASP A 273 -3.59 10.18 11.82
N GLN A 274 -3.94 11.42 11.53
CA GLN A 274 -4.95 12.10 12.33
C GLN A 274 -6.33 11.50 12.10
N GLY A 275 -6.63 11.06 10.87
CA GLY A 275 -7.90 10.41 10.62
C GLY A 275 -8.04 9.10 11.37
N CYS A 276 -6.98 8.28 11.36
CA CYS A 276 -7.02 7.01 12.08
C CYS A 276 -7.08 7.25 13.57
N LEU A 277 -6.37 8.27 14.05
CA LEU A 277 -6.48 8.64 15.45
C LEU A 277 -7.92 8.99 15.80
N ALA A 278 -8.56 9.79 14.96
CA ALA A 278 -9.93 10.21 15.23
C ALA A 278 -10.88 9.01 15.26
N LEU A 279 -10.72 8.10 14.31
CA LEU A 279 -11.58 6.92 14.27
C LEU A 279 -11.32 6.03 15.49
N ALA A 280 -10.04 5.79 15.81
CA ALA A 280 -9.74 4.99 17.00
C ALA A 280 -10.36 5.61 18.23
N GLU A 281 -10.27 6.94 18.34
CA GLU A 281 -10.86 7.63 19.49
C GLU A 281 -12.36 7.35 19.59
N LEU A 282 -13.08 7.48 18.47
CA LEU A 282 -14.52 7.19 18.48
C LEU A 282 -14.77 5.74 18.91
N LEU A 283 -13.89 4.82 18.52
CA LEU A 283 -14.07 3.41 18.85
C LEU A 283 -13.67 3.06 20.28
N GLY A 284 -13.09 3.99 21.05
CA GLY A 284 -12.57 3.64 22.34
C GLY A 284 -11.20 3.01 22.30
N TRP A 285 -10.51 3.08 21.18
CA TRP A 285 -9.20 2.44 21.01
C TRP A 285 -8.02 3.39 21.16
N LYS A 286 -8.26 4.67 21.52
CA LYS A 286 -7.16 5.63 21.41
C LYS A 286 -6.01 5.25 22.34
N LYS A 287 -6.31 4.91 23.58
CA LYS A 287 -5.24 4.51 24.50
CA LYS A 287 -5.24 4.52 24.51
C LYS A 287 -4.52 3.27 24.01
N GLU A 288 -5.27 2.29 23.48
CA GLU A 288 -4.65 1.09 22.94
C GLU A 288 -3.71 1.43 21.79
N LEU A 289 -4.14 2.34 20.94
CA LEU A 289 -3.33 2.70 19.77
C LEU A 289 -2.11 3.50 20.18
N GLU A 290 -2.29 4.44 21.11
CA GLU A 290 -1.14 5.22 21.59
C GLU A 290 -0.11 4.30 22.21
N ASP A 291 -0.57 3.34 23.02
CA ASP A 291 0.33 2.43 23.72
C ASP A 291 1.08 1.54 22.75
N LEU A 292 0.38 1.02 21.73
CA LEU A 292 1.03 0.19 20.73
C LEU A 292 2.06 0.98 19.94
N VAL A 293 1.69 2.15 19.43
CA VAL A 293 2.62 2.95 18.64
C VAL A 293 3.84 3.33 19.47
N ARG A 294 3.63 3.83 20.69
CA ARG A 294 4.76 4.31 21.48
C ARG A 294 5.73 3.17 21.77
N ARG A 295 5.18 1.98 22.04
CA ARG A 295 5.99 0.80 22.32
C ARG A 295 6.74 0.31 21.09
N GLU A 296 6.06 0.20 19.94
CA GLU A 296 6.74 -0.25 18.74
C GLU A 296 7.78 0.77 18.28
N HIS A 297 7.43 2.06 18.33
CA HIS A 297 8.42 3.09 17.99
C HIS A 297 9.62 3.05 18.92
N ALA A 298 9.37 2.91 20.22
CA ALA A 298 10.49 2.79 21.16
C ALA A 298 11.36 1.60 20.81
N SER A 299 10.73 0.47 20.46
CA SER A 299 11.48 -0.73 20.13
C SER A 299 12.32 -0.53 18.87
N ILE A 300 11.76 0.11 17.85
CA ILE A 300 12.52 0.37 16.63
C ILE A 300 13.65 1.36 16.90
N ASP A 301 13.37 2.40 17.68
CA ASP A 301 14.41 3.39 17.99
C ASP A 301 15.55 2.77 18.76
N ALA A 302 15.29 1.70 19.50
CA ALA A 302 16.28 1.06 20.35
C ALA A 302 17.05 -0.05 19.65
N GLN A 303 16.78 -0.33 18.38
CA GLN A 303 17.50 -1.41 17.68
C GLN A 303 19.00 -1.14 17.66
N LEU B 3 -0.96 -13.27 -17.30
CA LEU B 3 -1.49 -12.37 -16.29
C LEU B 3 -1.21 -10.92 -16.70
N PRO B 4 -2.08 -9.99 -16.31
CA PRO B 4 -1.91 -8.60 -16.74
C PRO B 4 -0.56 -8.04 -16.29
N LYS B 5 0.09 -7.32 -17.18
CA LYS B 5 1.39 -6.75 -16.86
C LYS B 5 1.25 -5.34 -16.31
N LYS B 6 2.25 -4.92 -15.55
CA LYS B 6 2.22 -3.57 -14.92
C LYS B 6 2.55 -2.50 -15.97
N GLY B 8 2.06 2.04 -17.08
CA GLY B 8 1.97 3.36 -16.48
C GLY B 8 0.65 3.62 -15.79
N GLY B 9 -0.44 3.38 -16.52
CA GLY B 9 -1.81 3.74 -16.03
C GLY B 9 -2.15 2.94 -14.77
#